data_8RRL
#
_entry.id   8RRL
#
_cell.length_a   138.740
_cell.length_b   56.590
_cell.length_c   84.470
_cell.angle_alpha   90.00
_cell.angle_beta   101.82
_cell.angle_gamma   90.00
#
_symmetry.space_group_name_H-M   'C 1 2 1'
#
loop_
_entity.id
_entity.type
_entity.pdbx_description
1 polymer '14-3-3 protein sigma'
2 polymer 'Phosphopeptide designed according to the sequence preferences favouring stabilisation by Fusicoccin-A'
3 non-polymer 'BICARBONATE ION'
4 non-polymer GLYCEROL
5 water water
#
loop_
_entity_poly.entity_id
_entity_poly.type
_entity_poly.pdbx_seq_one_letter_code
_entity_poly.pdbx_strand_id
1 'polypeptide(L)'
;GAMAMERASLIQKAKLAEQAERYEDMAAFMKGAVEKGEELSCEERNLLSVAYKNVVGGQRAAWRVLSSIEQKSNEEGSEE
KGPEVREYREKVETELQGVCDTVLGLLDSHLIKEAGDAESRVFYLKMKGDYYRYLAEVATGDDKKRIIDSARSAYQEAMD
ISKKEMPPTNPIRLGLALNFSVFHYEIANSPEEAISLAKTTFDEAMADLHTLSEDSYKDSTLIMQLLRDNLTLWTADNAG
EEGGEAPQEPQS
;
A,B
2 'polypeptide(L)' NYRRYK(SEP)VGIL C,D
#
loop_
_chem_comp.id
_chem_comp.type
_chem_comp.name
_chem_comp.formula
BCT non-polymer 'BICARBONATE ION' 'C H O3 -1'
GOL non-polymer GLYCEROL 'C3 H8 O3'
#
# COMPACT_ATOMS: atom_id res chain seq x y z
N GLY A 1 -10.78 31.17 -12.22
CA GLY A 1 -9.63 30.70 -13.02
C GLY A 1 -8.49 30.20 -12.15
N ALA A 2 -7.80 31.13 -11.49
CA ALA A 2 -6.74 30.74 -10.57
C ALA A 2 -7.21 29.69 -9.58
N MET A 3 -8.47 29.78 -9.16
CA MET A 3 -9.08 28.79 -8.28
C MET A 3 -9.80 27.71 -9.09
N ALA A 4 -10.60 28.11 -10.07
CA ALA A 4 -11.39 27.14 -10.83
C ALA A 4 -10.49 26.14 -11.55
N MET A 5 -9.44 26.63 -12.22
CA MET A 5 -8.53 25.72 -12.91
C MET A 5 -7.70 24.92 -11.92
N GLU A 6 -7.21 25.57 -10.85
CA GLU A 6 -6.45 24.84 -9.84
C GLU A 6 -7.30 23.74 -9.21
N ARG A 7 -8.55 24.04 -8.89
CA ARG A 7 -9.45 23.01 -8.36
C ARG A 7 -9.60 21.86 -9.34
N ALA A 8 -9.91 22.18 -10.60
CA ALA A 8 -10.04 21.13 -11.61
C ALA A 8 -8.77 20.30 -11.72
N SER A 9 -7.60 20.96 -11.69
CA SER A 9 -6.34 20.23 -11.74
C SER A 9 -6.21 19.29 -10.55
N LEU A 10 -6.46 19.79 -9.35
CA LEU A 10 -6.36 18.95 -8.16
C LEU A 10 -7.32 17.78 -8.24
N ILE A 11 -8.54 18.00 -8.75
CA ILE A 11 -9.51 16.92 -8.88
C ILE A 11 -8.99 15.88 -9.86
N GLN A 12 -8.49 16.32 -11.01
CA GLN A 12 -7.99 15.37 -12.01
C GLN A 12 -6.80 14.61 -11.46
N LYS A 13 -5.93 15.28 -10.70
CA LYS A 13 -4.78 14.58 -10.11
C LYS A 13 -5.24 13.61 -9.02
N ALA A 14 -6.33 13.93 -8.32
CA ALA A 14 -6.87 12.98 -7.35
C ALA A 14 -7.36 11.72 -8.06
N LYS A 15 -8.00 11.88 -9.22
CA LYS A 15 -8.45 10.71 -9.98
C LYS A 15 -7.27 9.91 -10.51
N LEU A 16 -6.21 10.60 -10.93
CA LEU A 16 -5.01 9.88 -11.36
C LEU A 16 -4.38 9.13 -10.21
N ALA A 17 -4.32 9.75 -9.03
CA ALA A 17 -3.74 9.07 -7.88
C ALA A 17 -4.54 7.82 -7.52
N GLU A 18 -5.87 7.91 -7.55
CA GLU A 18 -6.70 6.75 -7.23
C GLU A 18 -6.34 5.58 -8.15
N GLN A 19 -6.30 5.82 -9.46
CA GLN A 19 -5.95 4.76 -10.40
C GLN A 19 -4.59 4.16 -10.07
N ALA A 20 -3.64 4.99 -9.59
CA ALA A 20 -2.31 4.54 -9.24
C ALA A 20 -2.21 4.02 -7.81
N GLU A 21 -3.33 3.99 -7.08
CA GLU A 21 -3.34 3.56 -5.68
C GLU A 21 -2.37 4.38 -4.84
N ARG A 22 -2.27 5.67 -5.15
CA ARG A 22 -1.46 6.62 -4.38
C ARG A 22 -2.39 7.42 -3.46
N TYR A 23 -2.87 6.75 -2.42
CA TYR A 23 -3.97 7.29 -1.65
C TYR A 23 -3.54 8.45 -0.77
N GLU A 24 -2.27 8.51 -0.38
CA GLU A 24 -1.79 9.66 0.38
C GLU A 24 -1.78 10.91 -0.50
N ASP A 25 -1.24 10.80 -1.71
CA ASP A 25 -1.31 11.91 -2.66
C ASP A 25 -2.76 12.26 -2.95
N MET A 26 -3.59 11.26 -3.20
CA MET A 26 -5.01 11.51 -3.46
C MET A 26 -5.63 12.34 -2.35
N ALA A 27 -5.41 11.92 -1.10
CA ALA A 27 -5.94 12.67 0.03
C ALA A 27 -5.44 14.11 0.03
N ALA A 28 -4.17 14.32 -0.29
CA ALA A 28 -3.63 15.67 -0.33
C ALA A 28 -4.34 16.51 -1.38
N PHE A 29 -4.51 15.96 -2.58
CA PHE A 29 -5.14 16.71 -3.66
C PHE A 29 -6.57 17.10 -3.31
N MET A 30 -7.34 16.16 -2.79
CA MET A 30 -8.74 16.45 -2.45
C MET A 30 -8.83 17.46 -1.32
N LYS A 31 -7.95 17.36 -0.32
CA LYS A 31 -7.89 18.40 0.71
C LYS A 31 -7.63 19.76 0.08
N GLY A 32 -6.74 19.82 -0.91
CA GLY A 32 -6.51 21.08 -1.60
C GLY A 32 -7.74 21.56 -2.36
N ALA A 33 -8.48 20.63 -2.96
CA ALA A 33 -9.69 21.01 -3.68
C ALA A 33 -10.75 21.55 -2.73
N VAL A 34 -10.91 20.91 -1.56
CA VAL A 34 -11.90 21.37 -0.58
C VAL A 34 -11.61 22.81 -0.19
N GLU A 35 -10.34 23.12 0.09
CA GLU A 35 -9.97 24.43 0.60
C GLU A 35 -10.19 25.55 -0.41
N LYS A 36 -10.54 25.22 -1.66
CA LYS A 36 -10.90 26.24 -2.63
C LYS A 36 -12.26 26.87 -2.34
N GLY A 37 -13.01 26.35 -1.37
CA GLY A 37 -14.25 26.95 -0.91
C GLY A 37 -15.50 26.37 -1.55
N GLU A 38 -15.40 25.90 -2.79
CA GLU A 38 -16.56 25.37 -3.48
CA GLU A 38 -16.57 25.37 -3.47
C GLU A 38 -16.99 24.04 -2.85
N GLU A 39 -18.30 23.79 -2.86
CA GLU A 39 -18.84 22.55 -2.32
C GLU A 39 -18.47 21.37 -3.22
N LEU A 40 -18.48 20.17 -2.64
CA LEU A 40 -18.12 18.97 -3.36
C LEU A 40 -19.38 18.31 -3.93
N SER A 41 -19.27 17.84 -5.17
CA SER A 41 -20.32 17.03 -5.77
C SER A 41 -20.26 15.62 -5.19
N CYS A 42 -21.26 14.82 -5.54
CA CYS A 42 -21.29 13.43 -5.07
C CYS A 42 -20.02 12.70 -5.47
N GLU A 43 -19.60 12.83 -6.72
CA GLU A 43 -18.37 12.20 -7.17
C GLU A 43 -17.18 12.68 -6.36
N GLU A 44 -17.07 14.00 -6.16
CA GLU A 44 -15.93 14.55 -5.44
C GLU A 44 -15.95 14.14 -3.98
N ARG A 45 -17.14 14.06 -3.38
CA ARG A 45 -17.24 13.58 -2.01
C ARG A 45 -16.67 12.18 -1.88
N ASN A 46 -16.96 11.32 -2.86
CA ASN A 46 -16.46 9.94 -2.79
C ASN A 46 -14.95 9.91 -2.95
N LEU A 47 -14.39 10.74 -3.83
CA LEU A 47 -12.94 10.82 -3.94
C LEU A 47 -12.31 11.17 -2.60
N LEU A 48 -12.84 12.20 -1.93
CA LEU A 48 -12.34 12.56 -0.60
C LEU A 48 -12.44 11.37 0.35
N SER A 49 -13.58 10.69 0.36
CA SER A 49 -13.78 9.60 1.31
C SER A 49 -12.88 8.42 0.98
N VAL A 50 -12.81 8.03 -0.29
CA VAL A 50 -11.97 6.89 -0.67
C VAL A 50 -10.51 7.20 -0.37
N ALA A 51 -10.08 8.43 -0.59
CA ALA A 51 -8.68 8.79 -0.37
C ALA A 51 -8.29 8.60 1.09
N TYR A 52 -9.02 9.25 2.01
CA TYR A 52 -8.66 9.18 3.41
C TYR A 52 -9.00 7.82 4.03
N LYS A 53 -10.00 7.12 3.47
CA LYS A 53 -10.31 5.79 3.97
C LYS A 53 -9.09 4.87 3.85
N ASN A 54 -8.45 4.87 2.68
CA ASN A 54 -7.30 4.00 2.47
C ASN A 54 -6.12 4.43 3.33
N VAL A 55 -5.92 5.74 3.50
CA VAL A 55 -4.80 6.21 4.31
C VAL A 55 -4.95 5.71 5.75
N VAL A 56 -6.07 6.04 6.40
CA VAL A 56 -6.27 5.58 7.77
C VAL A 56 -6.46 4.08 7.81
N GLY A 57 -6.97 3.49 6.73
CA GLY A 57 -7.09 2.04 6.68
C GLY A 57 -5.78 1.34 6.93
N GLY A 58 -4.73 1.75 6.21
CA GLY A 58 -3.42 1.16 6.42
C GLY A 58 -2.88 1.43 7.81
N GLN A 59 -3.09 2.64 8.31
CA GLN A 59 -2.61 2.98 9.65
C GLN A 59 -3.33 2.15 10.72
N ARG A 60 -4.65 2.05 10.62
CA ARG A 60 -5.41 1.25 11.58
C ARG A 60 -4.93 -0.19 11.58
N ALA A 61 -4.84 -0.80 10.40
CA ALA A 61 -4.35 -2.17 10.30
C ALA A 61 -2.96 -2.30 10.90
N ALA A 62 -2.07 -1.36 10.57
CA ALA A 62 -0.73 -1.38 11.16
C ALA A 62 -0.81 -1.24 12.67
N TRP A 63 -1.64 -0.32 13.15
CA TRP A 63 -1.78 -0.14 14.60
C TRP A 63 -2.31 -1.42 15.26
N ARG A 64 -3.26 -2.10 14.61
CA ARG A 64 -3.79 -3.33 15.19
C ARG A 64 -2.72 -4.41 15.29
N VAL A 65 -1.91 -4.57 14.22
CA VAL A 65 -0.83 -5.55 14.25
C VAL A 65 0.14 -5.24 15.38
N LEU A 66 0.56 -3.98 15.50
CA LEU A 66 1.54 -3.61 16.51
C LEU A 66 0.97 -3.75 17.92
N SER A 67 -0.31 -3.43 18.10
CA SER A 67 -0.93 -3.56 19.42
C SER A 67 -0.98 -5.01 19.85
N SER A 68 -1.43 -5.90 18.95
CA SER A 68 -1.45 -7.33 19.28
C SER A 68 -0.07 -7.81 19.68
N ILE A 69 0.97 -7.39 18.96
CA ILE A 69 2.33 -7.78 19.31
C ILE A 69 2.71 -7.16 20.66
N GLU A 70 2.35 -5.90 20.89
CA GLU A 70 2.68 -5.25 22.15
C GLU A 70 2.00 -5.95 23.32
N GLN A 71 0.74 -6.36 23.14
CA GLN A 71 0.01 -7.04 24.20
CA GLN A 71 0.04 -7.02 24.22
C GLN A 71 0.65 -8.38 24.55
N LYS A 72 1.27 -9.04 23.58
CA LYS A 72 1.90 -10.33 23.79
C LYS A 72 3.41 -10.22 23.98
N SER A 73 3.90 -9.02 24.31
CA SER A 73 5.35 -8.83 24.46
C SER A 73 5.85 -9.44 25.77
N ASN A 74 5.21 -9.09 26.89
CA ASN A 74 5.60 -9.62 28.19
C ASN A 74 5.15 -11.05 28.41
N GLU A 75 4.23 -11.57 27.61
CA GLU A 75 3.78 -12.95 27.74
C GLU A 75 4.94 -13.92 27.56
N GLU A 76 5.45 -14.01 26.34
CA GLU A 76 6.58 -14.90 26.04
C GLU A 76 7.85 -14.43 26.75
N GLU A 79 12.15 -12.73 24.43
CA GLU A 79 11.34 -12.33 23.28
C GLU A 79 11.60 -10.86 22.94
N GLU A 80 10.58 -10.19 22.39
CA GLU A 80 10.71 -8.76 22.09
C GLU A 80 11.26 -8.01 23.30
N LYS A 81 10.55 -8.08 24.42
CA LYS A 81 11.09 -7.66 25.71
C LYS A 81 11.24 -6.15 25.84
N GLY A 82 11.76 -5.50 24.81
CA GLY A 82 12.13 -4.11 24.89
C GLY A 82 11.00 -3.16 24.56
N PRO A 83 11.31 -1.85 24.53
CA PRO A 83 10.31 -0.83 24.21
C PRO A 83 10.09 -0.61 22.72
N GLU A 84 10.70 -1.43 21.85
CA GLU A 84 10.61 -1.17 20.41
C GLU A 84 9.16 -1.21 19.94
N VAL A 85 8.41 -2.23 20.38
CA VAL A 85 7.02 -2.36 19.92
C VAL A 85 6.21 -1.14 20.34
N ARG A 86 6.31 -0.77 21.63
CA ARG A 86 5.55 0.38 22.12
C ARG A 86 5.92 1.65 21.37
N GLU A 87 7.23 1.92 21.24
CA GLU A 87 7.66 3.13 20.56
C GLU A 87 7.12 3.20 19.14
N TYR A 88 7.23 2.09 18.39
CA TYR A 88 6.76 2.10 17.01
C TYR A 88 5.23 2.14 16.96
N ARG A 89 4.56 1.45 17.88
CA ARG A 89 3.10 1.55 17.96
C ARG A 89 2.67 2.99 18.23
N GLU A 90 3.38 3.68 19.12
CA GLU A 90 3.05 5.08 19.40
C GLU A 90 3.33 5.98 18.21
N LYS A 91 4.37 5.67 17.42
CA LYS A 91 4.63 6.42 16.19
C LYS A 91 3.48 6.26 15.21
N VAL A 92 3.04 5.02 14.97
CA VAL A 92 1.91 4.79 14.07
C VAL A 92 0.66 5.46 14.63
N GLU A 93 0.40 5.27 15.93
CA GLU A 93 -0.76 5.89 16.55
C GLU A 93 -0.77 7.40 16.32
N THR A 94 0.40 8.04 16.43
CA THR A 94 0.46 9.50 16.26
C THR A 94 0.18 9.90 14.82
N GLU A 95 0.70 9.14 13.85
CA GLU A 95 0.36 9.40 12.46
C GLU A 95 -1.14 9.30 12.24
N LEU A 96 -1.73 8.22 12.74
CA LEU A 96 -3.17 8.02 12.58
C LEU A 96 -3.95 9.19 13.13
N GLN A 97 -3.62 9.64 14.34
CA GLN A 97 -4.34 10.76 14.94
C GLN A 97 -4.16 12.03 14.15
N GLY A 98 -3.01 12.22 13.51
CA GLY A 98 -2.81 13.39 12.67
C GLY A 98 -3.73 13.40 11.46
N VAL A 99 -3.90 12.23 10.82
CA VAL A 99 -4.79 12.14 9.67
C VAL A 99 -6.23 12.38 10.10
N CYS A 100 -6.67 11.68 11.16
CA CYS A 100 -8.02 11.90 11.66
C CYS A 100 -8.25 13.38 11.99
N ASP A 101 -7.28 14.01 12.65
CA ASP A 101 -7.42 15.42 12.97
C ASP A 101 -7.47 16.28 11.72
N THR A 102 -6.79 15.87 10.65
CA THR A 102 -6.87 16.61 9.40
C THR A 102 -8.25 16.47 8.78
N VAL A 103 -8.81 15.26 8.79
CA VAL A 103 -10.15 15.04 8.23
C VAL A 103 -11.19 15.81 9.03
N LEU A 104 -11.20 15.59 10.36
CA LEU A 104 -12.18 16.28 11.19
C LEU A 104 -12.07 17.79 11.06
N GLY A 105 -10.84 18.32 11.02
CA GLY A 105 -10.67 19.74 10.83
C GLY A 105 -11.24 20.22 9.51
N LEU A 106 -11.12 19.40 8.47
CA LEU A 106 -11.68 19.77 7.17
C LEU A 106 -13.19 19.69 7.17
N LEU A 107 -13.75 18.75 7.96
CA LEU A 107 -15.20 18.65 8.04
C LEU A 107 -15.81 19.88 8.73
N ASP A 108 -15.23 20.27 9.87
CA ASP A 108 -15.77 21.42 10.59
C ASP A 108 -15.47 22.73 9.88
N SER A 109 -14.40 22.78 9.08
CA SER A 109 -13.97 24.03 8.48
C SER A 109 -14.67 24.34 7.17
N HIS A 110 -14.94 23.32 6.34
CA HIS A 110 -15.38 23.58 4.97
C HIS A 110 -16.62 22.79 4.58
N LEU A 111 -16.79 21.58 5.11
CA LEU A 111 -17.74 20.63 4.56
C LEU A 111 -19.08 20.61 5.30
N ILE A 112 -19.06 20.57 6.63
CA ILE A 112 -20.30 20.48 7.40
C ILE A 112 -20.98 21.84 7.40
N LYS A 113 -22.20 21.89 6.84
CA LYS A 113 -22.97 23.11 6.75
C LYS A 113 -24.40 22.84 7.14
N GLU A 114 -25.09 23.89 7.60
CA GLU A 114 -26.52 23.76 7.86
C GLU A 114 -27.31 23.64 6.57
N ALA A 115 -26.78 24.18 5.47
CA ALA A 115 -27.45 24.14 4.18
C ALA A 115 -27.09 22.82 3.49
N GLY A 116 -27.49 22.69 2.22
CA GLY A 116 -27.19 21.50 1.45
C GLY A 116 -28.27 20.44 1.57
N ASP A 117 -28.27 19.52 0.60
CA ASP A 117 -29.23 18.45 0.59
C ASP A 117 -28.97 17.49 1.75
N ALA A 118 -29.97 16.64 2.02
CA ALA A 118 -29.84 15.70 3.13
C ALA A 118 -28.69 14.72 2.91
N GLU A 119 -28.47 14.30 1.66
CA GLU A 119 -27.42 13.34 1.38
C GLU A 119 -26.06 13.86 1.84
N SER A 120 -25.67 15.05 1.38
CA SER A 120 -24.37 15.59 1.73
C SER A 120 -24.24 15.80 3.23
N ARG A 121 -25.29 16.32 3.87
CA ARG A 121 -25.21 16.58 5.30
C ARG A 121 -25.02 15.28 6.09
N VAL A 122 -25.80 14.26 5.74
CA VAL A 122 -25.64 12.96 6.40
C VAL A 122 -24.27 12.38 6.07
N PHE A 123 -23.79 12.60 4.85
CA PHE A 123 -22.50 12.06 4.44
C PHE A 123 -21.38 12.59 5.33
N TYR A 124 -21.32 13.90 5.51
CA TYR A 124 -20.22 14.50 6.26
C TYR A 124 -20.35 14.24 7.75
N LEU A 125 -21.58 14.24 8.28
CA LEU A 125 -21.75 13.94 9.70
C LEU A 125 -21.41 12.49 10.01
N LYS A 126 -21.79 11.56 9.12
CA LYS A 126 -21.32 10.19 9.24
C LYS A 126 -19.80 10.15 9.23
N MET A 127 -19.18 10.82 8.26
CA MET A 127 -17.73 10.83 8.17
C MET A 127 -17.11 11.37 9.45
N LYS A 128 -17.71 12.42 10.04
CA LYS A 128 -17.22 12.93 11.30
C LYS A 128 -17.30 11.87 12.39
N GLY A 129 -18.41 11.14 12.46
CA GLY A 129 -18.50 10.06 13.43
C GLY A 129 -17.49 8.97 13.17
N ASP A 130 -17.24 8.65 11.90
CA ASP A 130 -16.29 7.59 11.57
C ASP A 130 -14.90 7.91 12.12
N TYR A 131 -14.43 9.14 11.90
CA TYR A 131 -13.05 9.46 12.26
C TYR A 131 -12.88 9.78 13.74
N TYR A 132 -13.94 10.20 14.43
CA TYR A 132 -13.88 10.17 15.88
C TYR A 132 -13.88 8.75 16.40
N ARG A 133 -14.60 7.84 15.72
CA ARG A 133 -14.57 6.44 16.11
C ARG A 133 -13.17 5.85 15.91
N TYR A 134 -12.48 6.23 14.83
CA TYR A 134 -11.13 5.75 14.63
C TYR A 134 -10.20 6.25 15.73
N LEU A 135 -10.37 7.51 16.16
CA LEU A 135 -9.58 8.01 17.27
C LEU A 135 -9.91 7.25 18.56
N ALA A 136 -11.17 6.88 18.74
CA ALA A 136 -11.56 6.13 19.94
C ALA A 136 -10.92 4.75 19.95
N GLU A 137 -10.70 4.15 18.77
CA GLU A 137 -10.09 2.83 18.72
C GLU A 137 -8.72 2.81 19.40
N VAL A 138 -8.03 3.96 19.40
CA VAL A 138 -6.67 4.04 19.94
C VAL A 138 -6.59 4.87 21.21
N ALA A 139 -7.68 5.51 21.62
CA ALA A 139 -7.67 6.30 22.85
C ALA A 139 -7.69 5.38 24.07
N THR A 140 -7.12 5.86 25.17
CA THR A 140 -6.91 5.06 26.36
C THR A 140 -7.68 5.53 27.58
N GLY A 141 -7.72 6.84 27.84
CA GLY A 141 -8.23 7.33 29.11
C GLY A 141 -9.38 8.31 29.02
N ASP A 142 -9.25 9.44 29.72
CA ASP A 142 -10.34 10.41 29.78
C ASP A 142 -10.62 11.02 28.41
N ASP A 143 -9.57 11.27 27.63
CA ASP A 143 -9.77 11.75 26.26
C ASP A 143 -10.68 10.82 25.49
N LYS A 144 -10.70 9.53 25.84
CA LYS A 144 -11.54 8.56 25.15
C LYS A 144 -13.02 8.91 25.31
N LYS A 145 -13.44 9.20 26.54
CA LYS A 145 -14.85 9.48 26.78
C LYS A 145 -15.34 10.66 25.95
N ARG A 146 -14.59 11.76 25.94
CA ARG A 146 -14.95 12.90 25.10
C ARG A 146 -14.99 12.49 23.64
N ILE A 147 -14.00 11.70 23.19
CA ILE A 147 -13.96 11.28 21.79
C ILE A 147 -15.17 10.42 21.46
N ILE A 148 -15.51 9.48 22.35
CA ILE A 148 -16.68 8.63 22.14
C ILE A 148 -17.93 9.49 22.03
N ASP A 149 -18.11 10.43 22.97
CA ASP A 149 -19.28 11.29 22.93
C ASP A 149 -19.33 12.10 21.64
N SER A 150 -18.19 12.63 21.20
CA SER A 150 -18.17 13.37 19.95
C SER A 150 -18.62 12.49 18.79
N ALA A 151 -18.17 11.23 18.77
CA ALA A 151 -18.58 10.31 17.72
C ALA A 151 -20.07 10.02 17.79
N ARG A 152 -20.59 9.79 19.00
N ARG A 152 -20.59 9.78 19.00
CA ARG A 152 -22.02 9.50 19.13
CA ARG A 152 -22.02 9.49 19.15
C ARG A 152 -22.87 10.68 18.68
C ARG A 152 -22.86 10.67 18.69
N SER A 153 -22.48 11.90 19.07
N SER A 153 -22.47 11.89 19.07
CA SER A 153 -23.26 13.07 18.70
CA SER A 153 -23.26 13.06 18.70
C SER A 153 -23.29 13.27 17.20
C SER A 153 -23.30 13.26 17.19
N ALA A 154 -22.17 13.00 16.51
CA ALA A 154 -22.14 13.14 15.07
C ALA A 154 -23.00 12.08 14.40
N TYR A 155 -22.91 10.83 14.86
CA TYR A 155 -23.75 9.78 14.33
C TYR A 155 -25.22 10.07 14.59
N GLN A 156 -25.54 10.50 15.82
CA GLN A 156 -26.94 10.73 16.17
C GLN A 156 -27.54 11.85 15.33
N GLU A 157 -26.78 12.93 15.13
CA GLU A 157 -27.28 14.00 14.27
C GLU A 157 -27.49 13.52 12.85
N ALA A 158 -26.53 12.76 12.32
CA ALA A 158 -26.72 12.14 11.01
C ALA A 158 -27.92 11.21 11.01
N MET A 159 -28.11 10.47 12.11
N MET A 159 -28.11 10.47 12.11
CA MET A 159 -29.23 9.55 12.20
CA MET A 159 -29.24 9.54 12.19
C MET A 159 -30.56 10.30 12.11
C MET A 159 -30.56 10.30 12.10
N ASP A 160 -30.69 11.38 12.89
CA ASP A 160 -31.93 12.14 12.89
C ASP A 160 -32.26 12.66 11.50
N ILE A 161 -31.25 13.12 10.76
CA ILE A 161 -31.51 13.62 9.42
C ILE A 161 -31.90 12.50 8.48
N SER A 162 -31.21 11.36 8.56
CA SER A 162 -31.47 10.27 7.62
C SER A 162 -32.87 9.71 7.82
N LYS A 163 -33.29 9.50 9.07
CA LYS A 163 -34.61 8.94 9.34
C LYS A 163 -35.73 9.91 9.00
N LYS A 164 -35.42 11.19 8.82
CA LYS A 164 -36.42 12.20 8.49
C LYS A 164 -36.51 12.49 7.00
N GLU A 165 -35.40 12.42 6.27
CA GLU A 165 -35.36 12.92 4.90
C GLU A 165 -34.96 11.88 3.87
N MET A 166 -34.74 10.63 4.26
CA MET A 166 -34.29 9.61 3.32
C MET A 166 -35.01 8.30 3.58
N PRO A 167 -35.28 7.51 2.55
CA PRO A 167 -36.01 6.24 2.74
C PRO A 167 -35.16 5.23 3.48
N PRO A 168 -35.77 4.17 4.01
CA PRO A 168 -34.98 3.16 4.75
C PRO A 168 -33.99 2.39 3.87
N THR A 169 -34.17 2.39 2.56
CA THR A 169 -33.26 1.69 1.65
C THR A 169 -32.19 2.59 1.07
N ASN A 170 -32.13 3.85 1.47
CA ASN A 170 -31.13 4.76 0.92
C ASN A 170 -29.73 4.29 1.31
N PRO A 171 -28.80 4.15 0.36
CA PRO A 171 -27.47 3.62 0.70
C PRO A 171 -26.74 4.43 1.76
N ILE A 172 -26.86 5.76 1.73
CA ILE A 172 -26.16 6.57 2.74
C ILE A 172 -26.76 6.32 4.11
N ARG A 173 -28.09 6.23 4.20
CA ARG A 173 -28.72 5.92 5.48
C ARG A 173 -28.28 4.54 5.97
N LEU A 174 -28.28 3.55 5.09
CA LEU A 174 -27.89 2.20 5.48
C LEU A 174 -26.45 2.16 5.96
N GLY A 175 -25.55 2.82 5.23
CA GLY A 175 -24.15 2.86 5.64
C GLY A 175 -23.97 3.54 6.98
N LEU A 176 -24.71 4.63 7.20
CA LEU A 176 -24.67 5.29 8.50
C LEU A 176 -25.11 4.35 9.61
N ALA A 177 -26.27 3.72 9.45
CA ALA A 177 -26.76 2.80 10.46
C ALA A 177 -25.77 1.67 10.71
N LEU A 178 -25.17 1.14 9.64
CA LEU A 178 -24.17 0.09 9.81
C LEU A 178 -23.02 0.57 10.67
N ASN A 179 -22.41 1.69 10.30
CA ASN A 179 -21.27 2.19 11.07
C ASN A 179 -21.66 2.58 12.49
N PHE A 180 -22.87 3.09 12.69
CA PHE A 180 -23.28 3.45 14.04
C PHE A 180 -23.44 2.20 14.90
N SER A 181 -23.93 1.10 14.32
CA SER A 181 -24.05 -0.13 15.06
C SER A 181 -22.67 -0.68 15.42
N VAL A 182 -21.72 -0.59 14.50
CA VAL A 182 -20.34 -0.97 14.83
C VAL A 182 -19.83 -0.15 15.99
N PHE A 183 -20.12 1.16 15.99
CA PHE A 183 -19.75 2.00 17.12
C PHE A 183 -20.34 1.46 18.42
N HIS A 184 -21.63 1.15 18.42
CA HIS A 184 -22.27 0.62 19.62
C HIS A 184 -21.58 -0.65 20.10
N TYR A 185 -21.25 -1.55 19.18
CA TYR A 185 -20.71 -2.85 19.56
C TYR A 185 -19.26 -2.74 20.02
N GLU A 186 -18.42 -2.10 19.21
CA GLU A 186 -16.98 -2.11 19.45
C GLU A 186 -16.50 -1.00 20.37
N ILE A 187 -17.05 0.20 20.22
CA ILE A 187 -16.57 1.36 20.97
C ILE A 187 -17.36 1.50 22.27
N ALA A 188 -18.67 1.71 22.15
CA ALA A 188 -19.51 1.87 23.33
C ALA A 188 -19.64 0.59 24.15
N ASN A 189 -19.28 -0.57 23.57
CA ASN A 189 -19.44 -1.85 24.24
C ASN A 189 -20.89 -2.09 24.64
N SER A 190 -21.81 -1.65 23.78
CA SER A 190 -23.23 -1.86 23.99
C SER A 190 -23.74 -2.83 22.94
N PRO A 191 -23.50 -4.13 23.12
CA PRO A 191 -23.88 -5.09 22.07
C PRO A 191 -25.38 -5.20 21.86
N GLU A 192 -26.20 -4.81 22.83
CA GLU A 192 -27.64 -4.89 22.67
CA GLU A 192 -27.64 -4.89 22.65
C GLU A 192 -28.15 -3.80 21.72
N GLU A 193 -27.61 -2.58 21.86
CA GLU A 193 -28.01 -1.51 20.94
C GLU A 193 -27.54 -1.80 19.52
N ALA A 194 -26.31 -2.30 19.37
CA ALA A 194 -25.80 -2.62 18.05
C ALA A 194 -26.68 -3.64 17.35
N ILE A 195 -26.98 -4.76 18.04
CA ILE A 195 -27.82 -5.79 17.45
C ILE A 195 -29.19 -5.21 17.10
N SER A 196 -29.77 -4.43 18.03
CA SER A 196 -31.09 -3.86 17.79
C SER A 196 -31.07 -2.91 16.60
N LEU A 197 -30.07 -2.04 16.53
CA LEU A 197 -29.99 -1.08 15.44
C LEU A 197 -29.79 -1.79 14.10
N ALA A 198 -28.86 -2.76 14.06
CA ALA A 198 -28.64 -3.50 12.82
C ALA A 198 -29.89 -4.25 12.39
N LYS A 199 -30.57 -4.90 13.34
CA LYS A 199 -31.77 -5.66 12.98
C LYS A 199 -32.88 -4.74 12.50
N THR A 200 -33.12 -3.63 13.20
CA THR A 200 -34.13 -2.69 12.76
C THR A 200 -33.79 -2.14 11.38
N THR A 201 -32.52 -1.77 11.16
CA THR A 201 -32.12 -1.26 9.86
C THR A 201 -32.40 -2.28 8.76
N PHE A 202 -31.95 -3.52 8.95
CA PHE A 202 -32.14 -4.55 7.94
C PHE A 202 -33.63 -4.81 7.72
N ASP A 203 -34.39 -4.95 8.81
CA ASP A 203 -35.81 -5.27 8.69
C ASP A 203 -36.54 -4.20 7.89
N GLU A 204 -36.35 -2.93 8.26
CA GLU A 204 -37.10 -1.86 7.61
C GLU A 204 -36.64 -1.65 6.17
N ALA A 205 -35.37 -1.93 5.88
CA ALA A 205 -34.91 -1.88 4.49
C ALA A 205 -35.52 -3.00 3.68
N MET A 206 -35.61 -4.20 4.26
CA MET A 206 -36.15 -5.34 3.54
C MET A 206 -37.59 -5.08 3.12
N ALA A 207 -38.36 -4.42 3.98
CA ALA A 207 -39.77 -4.16 3.68
C ALA A 207 -39.96 -3.23 2.48
N ASP A 208 -38.94 -2.48 2.09
CA ASP A 208 -39.02 -1.57 0.96
C ASP A 208 -38.17 -1.99 -0.22
N LEU A 209 -37.49 -3.13 -0.14
CA LEU A 209 -36.56 -3.51 -1.20
C LEU A 209 -37.26 -3.61 -2.55
N HIS A 210 -38.52 -4.04 -2.56
CA HIS A 210 -39.24 -4.15 -3.83
C HIS A 210 -39.41 -2.80 -4.51
N THR A 211 -39.36 -1.70 -3.76
CA THR A 211 -39.49 -0.36 -4.31
C THR A 211 -38.16 0.28 -4.63
N LEU A 212 -37.05 -0.44 -4.46
CA LEU A 212 -35.74 0.16 -4.60
C LEU A 212 -35.35 0.29 -6.06
N SER A 213 -34.81 1.46 -6.41
CA SER A 213 -34.41 1.73 -7.78
C SER A 213 -33.16 0.94 -8.16
N GLU A 214 -33.01 0.68 -9.46
CA GLU A 214 -31.80 0.02 -9.94
C GLU A 214 -30.55 0.83 -9.65
N ASP A 215 -30.68 2.14 -9.44
CA ASP A 215 -29.53 2.97 -9.11
C ASP A 215 -28.87 2.50 -7.82
N SER A 216 -29.68 2.31 -6.78
CA SER A 216 -29.18 1.91 -5.46
C SER A 216 -29.37 0.43 -5.17
N TYR A 217 -29.89 -0.34 -6.13
CA TYR A 217 -30.11 -1.77 -5.90
C TYR A 217 -28.83 -2.44 -5.37
N LYS A 218 -27.75 -2.32 -6.14
CA LYS A 218 -26.50 -2.96 -5.74
C LYS A 218 -25.94 -2.33 -4.47
N ASP A 219 -25.93 -1.00 -4.39
CA ASP A 219 -25.33 -0.32 -3.24
C ASP A 219 -26.05 -0.70 -1.95
N SER A 220 -27.37 -0.55 -1.92
CA SER A 220 -28.11 -0.90 -0.72
C SER A 220 -28.01 -2.39 -0.42
N THR A 221 -28.07 -3.22 -1.46
CA THR A 221 -27.97 -4.67 -1.26
C THR A 221 -26.68 -5.04 -0.55
N LEU A 222 -25.55 -4.47 -0.99
CA LEU A 222 -24.27 -4.80 -0.38
C LEU A 222 -24.25 -4.43 1.10
N ILE A 223 -24.74 -3.24 1.43
CA ILE A 223 -24.75 -2.83 2.83
C ILE A 223 -25.65 -3.74 3.64
N MET A 224 -26.81 -4.12 3.08
CA MET A 224 -27.69 -5.03 3.79
C MET A 224 -27.01 -6.36 4.09
N GLN A 225 -26.20 -6.86 3.14
CA GLN A 225 -25.44 -8.07 3.40
C GLN A 225 -24.48 -7.87 4.57
N LEU A 226 -23.87 -6.69 4.67
CA LEU A 226 -22.97 -6.41 5.79
C LEU A 226 -23.74 -6.37 7.11
N LEU A 227 -24.88 -5.67 7.13
CA LEU A 227 -25.71 -5.63 8.33
C LEU A 227 -26.04 -7.03 8.81
N ARG A 228 -26.48 -7.90 7.89
CA ARG A 228 -26.87 -9.24 8.28
C ARG A 228 -25.66 -10.08 8.67
N ASP A 229 -24.52 -9.86 8.02
CA ASP A 229 -23.31 -10.58 8.40
C ASP A 229 -22.88 -10.22 9.83
N ASN A 230 -22.98 -8.94 10.19
CA ASN A 230 -22.63 -8.54 11.54
C ASN A 230 -23.61 -9.12 12.56
N LEU A 231 -24.90 -9.12 12.23
CA LEU A 231 -25.90 -9.70 13.14
C LEU A 231 -25.62 -11.18 13.39
N THR A 232 -25.39 -11.94 12.32
CA THR A 232 -25.06 -13.36 12.49
C THR A 232 -23.89 -13.55 13.45
N LEU A 233 -22.93 -12.62 13.43
CA LEU A 233 -21.77 -12.74 14.30
CA LEU A 233 -21.77 -12.73 14.31
C LEU A 233 -22.10 -12.28 15.72
N TRP A 234 -22.71 -11.10 15.86
CA TRP A 234 -22.99 -10.56 17.18
C TRP A 234 -23.97 -11.42 17.95
N THR A 235 -24.98 -11.97 17.28
CA THR A 235 -26.01 -12.73 17.98
C THR A 235 -25.49 -14.09 18.45
N ALA A 236 -24.78 -14.80 17.57
CA ALA A 236 -24.31 -16.13 17.92
C ALA A 236 -23.36 -16.13 19.11
N ASP A 237 -22.77 -14.98 19.43
CA ASP A 237 -21.85 -14.90 20.56
C ASP A 237 -21.69 -13.45 21.02
N GLY B 1 27.66 -4.10 23.38
CA GLY B 1 27.72 -2.67 23.83
C GLY B 1 26.61 -1.84 23.21
N ALA B 2 26.85 -0.52 23.13
CA ALA B 2 25.82 0.38 22.62
C ALA B 2 25.50 0.08 21.16
N MET B 3 26.52 -0.05 20.33
CA MET B 3 26.29 -0.32 18.90
C MET B 3 25.42 -1.55 18.71
N ALA B 4 25.76 -2.64 19.40
CA ALA B 4 25.00 -3.88 19.22
C ALA B 4 23.55 -3.71 19.66
N MET B 5 23.33 -3.05 20.80
CA MET B 5 21.96 -2.82 21.26
C MET B 5 21.19 -1.99 20.25
N GLU B 6 21.76 -0.87 19.82
CA GLU B 6 21.06 0.00 18.87
C GLU B 6 20.80 -0.72 17.56
N ARG B 7 21.78 -1.49 17.07
CA ARG B 7 21.56 -2.27 15.86
C ARG B 7 20.43 -3.28 16.05
N ALA B 8 20.42 -3.97 17.19
CA ALA B 8 19.37 -4.95 17.44
C ALA B 8 17.99 -4.30 17.48
N SER B 9 17.90 -3.10 18.04
CA SER B 9 16.62 -2.40 18.07
C SER B 9 16.15 -2.05 16.67
N LEU B 10 17.06 -1.61 15.81
CA LEU B 10 16.69 -1.27 14.44
C LEU B 10 16.23 -2.52 13.67
N ILE B 11 16.96 -3.62 13.81
CA ILE B 11 16.54 -4.86 13.16
C ILE B 11 15.16 -5.28 13.66
N GLN B 12 14.91 -5.10 14.95
CA GLN B 12 13.63 -5.49 15.52
C GLN B 12 12.50 -4.64 14.94
N LYS B 13 12.70 -3.31 14.90
CA LYS B 13 11.67 -2.44 14.33
C LYS B 13 11.45 -2.72 12.85
N ALA B 14 12.51 -3.09 12.13
CA ALA B 14 12.34 -3.46 10.73
C ALA B 14 11.41 -4.66 10.59
N LYS B 15 11.49 -5.60 11.52
CA LYS B 15 10.59 -6.76 11.46
C LYS B 15 9.17 -6.39 11.86
N LEU B 16 9.02 -5.49 12.83
CA LEU B 16 7.70 -4.99 13.19
C LEU B 16 7.07 -4.27 12.00
N ALA B 17 7.85 -3.39 11.34
CA ALA B 17 7.33 -2.69 10.17
C ALA B 17 6.97 -3.65 9.05
N GLU B 18 7.68 -4.78 8.95
CA GLU B 18 7.34 -5.78 7.95
C GLU B 18 5.96 -6.37 8.23
N GLN B 19 5.70 -6.74 9.50
CA GLN B 19 4.41 -7.31 9.84
C GLN B 19 3.29 -6.29 9.66
N ALA B 20 3.56 -5.03 9.96
CA ALA B 20 2.59 -3.96 9.76
C ALA B 20 2.53 -3.48 8.31
N GLU B 21 3.27 -4.12 7.40
CA GLU B 21 3.31 -3.71 6.00
C GLU B 21 3.62 -2.22 5.87
N ARG B 22 4.57 -1.76 6.67
CA ARG B 22 5.07 -0.39 6.65
C ARG B 22 6.46 -0.45 6.04
N TYR B 23 6.50 -0.62 4.71
CA TYR B 23 7.76 -0.94 4.05
C TYR B 23 8.68 0.27 3.92
N GLU B 24 8.12 1.47 3.83
CA GLU B 24 8.98 2.66 3.86
C GLU B 24 9.69 2.76 5.21
N ASP B 25 8.95 2.55 6.31
CA ASP B 25 9.60 2.49 7.62
C ASP B 25 10.59 1.34 7.67
N MET B 26 10.21 0.18 7.14
CA MET B 26 11.10 -0.98 7.15
C MET B 26 12.40 -0.66 6.45
N ALA B 27 12.32 -0.03 5.28
CA ALA B 27 13.53 0.34 4.55
C ALA B 27 14.38 1.31 5.36
N ALA B 28 13.75 2.28 6.00
CA ALA B 28 14.50 3.25 6.81
C ALA B 28 15.21 2.55 7.96
N PHE B 29 14.51 1.62 8.64
CA PHE B 29 15.11 0.93 9.76
C PHE B 29 16.29 0.07 9.33
N MET B 30 16.18 -0.59 8.17
CA MET B 30 17.28 -1.42 7.69
C MET B 30 18.44 -0.55 7.21
N LYS B 31 18.14 0.57 6.57
CA LYS B 31 19.18 1.52 6.21
C LYS B 31 19.99 1.93 7.44
N GLY B 32 19.28 2.28 8.51
CA GLY B 32 19.97 2.62 9.75
C GLY B 32 20.78 1.47 10.30
N ALA B 33 20.24 0.26 10.25
CA ALA B 33 20.98 -0.91 10.73
C ALA B 33 22.26 -1.11 9.94
N VAL B 34 22.19 -0.95 8.62
CA VAL B 34 23.39 -1.08 7.78
C VAL B 34 24.43 -0.06 8.22
N GLU B 35 24.00 1.17 8.47
CA GLU B 35 24.94 2.24 8.82
C GLU B 35 25.59 2.03 10.18
N LYS B 36 25.18 1.04 10.95
CA LYS B 36 25.89 0.72 12.18
C LYS B 36 27.26 0.10 11.92
N GLY B 37 27.56 -0.30 10.68
CA GLY B 37 28.89 -0.70 10.31
C GLY B 37 29.10 -2.20 10.17
N GLU B 38 28.20 -3.02 10.70
CA GLU B 38 28.38 -4.46 10.66
C GLU B 38 27.77 -5.04 9.38
N GLU B 39 28.32 -6.17 8.95
CA GLU B 39 27.80 -6.84 7.77
C GLU B 39 26.43 -7.45 8.06
N LEU B 40 25.62 -7.59 7.02
CA LEU B 40 24.28 -8.14 7.14
C LEU B 40 24.33 -9.65 6.96
N SER B 41 23.72 -10.38 7.90
CA SER B 41 23.54 -11.81 7.73
C SER B 41 22.62 -12.06 6.53
N CYS B 42 22.46 -13.34 6.18
CA CYS B 42 21.56 -13.68 5.08
C CYS B 42 20.14 -13.22 5.37
N GLU B 43 19.64 -13.51 6.58
CA GLU B 43 18.30 -13.08 6.94
C GLU B 43 18.16 -11.57 6.83
N GLU B 44 19.12 -10.83 7.39
CA GLU B 44 19.05 -9.37 7.38
C GLU B 44 19.11 -8.84 5.95
N ARG B 45 19.95 -9.44 5.11
CA ARG B 45 20.01 -9.04 3.70
C ARG B 45 18.64 -9.10 3.06
N ASN B 46 17.89 -10.18 3.31
CA ASN B 46 16.56 -10.29 2.73
C ASN B 46 15.64 -9.19 3.24
N LEU B 47 15.71 -8.87 4.53
CA LEU B 47 14.89 -7.79 5.07
C LEU B 47 15.16 -6.49 4.34
N LEU B 48 16.44 -6.16 4.12
CA LEU B 48 16.78 -4.97 3.35
C LEU B 48 16.16 -5.04 1.96
N SER B 49 16.33 -6.16 1.26
CA SER B 49 15.84 -6.27 -0.10
C SER B 49 14.32 -6.21 -0.15
N VAL B 50 13.65 -6.95 0.74
CA VAL B 50 12.20 -6.94 0.79
C VAL B 50 11.68 -5.52 1.00
N ALA B 51 12.28 -4.80 1.94
CA ALA B 51 11.82 -3.45 2.25
C ALA B 51 11.84 -2.56 1.01
N TYR B 52 13.01 -2.38 0.42
CA TYR B 52 13.12 -1.47 -0.71
C TYR B 52 12.42 -2.00 -1.95
N LYS B 53 12.28 -3.32 -2.07
CA LYS B 53 11.58 -3.88 -3.23
C LYS B 53 10.11 -3.50 -3.20
N ASN B 54 9.50 -3.52 -2.01
CA ASN B 54 8.09 -3.11 -1.90
C ASN B 54 7.94 -1.61 -2.14
N VAL B 55 8.85 -0.80 -1.59
CA VAL B 55 8.78 0.64 -1.80
C VAL B 55 8.85 0.97 -3.29
N VAL B 56 9.96 0.58 -3.93
N VAL B 56 9.97 0.59 -3.92
CA VAL B 56 10.11 0.88 -5.34
CA VAL B 56 10.12 0.87 -5.34
C VAL B 56 9.10 0.10 -6.17
C VAL B 56 9.08 0.11 -6.17
N GLY B 57 8.67 -1.07 -5.70
CA GLY B 57 7.68 -1.83 -6.43
C GLY B 57 6.37 -1.09 -6.58
N GLY B 58 5.90 -0.45 -5.51
CA GLY B 58 4.70 0.36 -5.62
C GLY B 58 4.89 1.54 -6.55
N GLN B 59 6.10 2.13 -6.54
CA GLN B 59 6.37 3.28 -7.39
C GLN B 59 6.41 2.88 -8.86
N ARG B 60 7.06 1.75 -9.16
CA ARG B 60 7.08 1.27 -10.54
C ARG B 60 5.67 1.04 -11.04
N ALA B 61 4.84 0.39 -10.24
CA ALA B 61 3.45 0.14 -10.63
C ALA B 61 2.72 1.45 -10.89
N ALA B 62 2.85 2.41 -9.97
CA ALA B 62 2.18 3.69 -10.16
C ALA B 62 2.70 4.40 -11.40
N TRP B 63 4.01 4.30 -11.65
CA TRP B 63 4.58 4.94 -12.84
C TRP B 63 4.01 4.32 -14.11
N ARG B 64 3.85 3.00 -14.14
CA ARG B 64 3.34 2.34 -15.33
C ARG B 64 1.87 2.72 -15.59
N VAL B 65 1.07 2.82 -14.53
CA VAL B 65 -0.32 3.23 -14.69
C VAL B 65 -0.39 4.64 -15.28
N LEU B 66 0.38 5.56 -14.70
CA LEU B 66 0.31 6.96 -15.14
C LEU B 66 0.84 7.13 -16.54
N SER B 67 1.92 6.41 -16.89
CA SER B 67 2.45 6.49 -18.25
C SER B 67 1.40 6.02 -19.26
N SER B 68 0.74 4.91 -18.96
CA SER B 68 -0.30 4.41 -19.87
C SER B 68 -1.41 5.45 -20.07
N ILE B 69 -1.85 6.08 -18.98
CA ILE B 69 -2.84 7.14 -19.11
C ILE B 69 -2.29 8.29 -19.94
N GLU B 70 -1.02 8.64 -19.74
CA GLU B 70 -0.42 9.75 -20.47
C GLU B 70 -0.45 9.50 -21.97
N GLN B 71 -0.18 8.26 -22.39
CA GLN B 71 -0.15 7.96 -23.82
C GLN B 71 -1.53 8.14 -24.45
N LYS B 72 -2.56 7.58 -23.81
CA LYS B 72 -3.92 7.77 -24.32
C LYS B 72 -4.31 9.24 -24.30
N SER B 73 -4.00 9.95 -23.21
CA SER B 73 -4.34 11.36 -23.11
C SER B 73 -3.64 12.18 -24.20
N ASN B 74 -2.40 11.83 -24.52
CA ASN B 74 -1.64 12.54 -25.54
C ASN B 74 -1.97 12.09 -26.96
N GLU B 75 -2.87 11.12 -27.16
CA GLU B 75 -3.21 10.60 -28.47
C GLU B 75 -4.55 11.16 -28.99
N GLU B 76 -5.04 12.23 -28.38
CA GLU B 76 -6.32 12.88 -28.69
C GLU B 76 -7.54 12.00 -28.42
N GLY B 77 -7.33 10.78 -27.90
CA GLY B 77 -8.46 9.97 -27.52
C GLY B 77 -9.28 10.61 -26.42
N SER B 78 -8.61 11.03 -25.35
CA SER B 78 -9.24 11.84 -24.32
C SER B 78 -9.51 13.27 -24.80
N GLU B 79 -9.09 13.61 -26.02
CA GLU B 79 -9.33 14.93 -26.59
C GLU B 79 -8.50 15.96 -25.83
N GLU B 80 -9.14 17.06 -25.42
CA GLU B 80 -8.45 18.07 -24.62
C GLU B 80 -7.77 17.43 -23.42
N LYS B 81 -6.44 17.56 -23.36
CA LYS B 81 -5.64 16.96 -22.30
C LYS B 81 -4.77 18.03 -21.66
N GLY B 82 -4.73 18.03 -20.33
CA GLY B 82 -3.94 18.99 -19.59
C GLY B 82 -2.57 18.44 -19.25
N PRO B 83 -1.77 19.23 -18.52
CA PRO B 83 -0.44 18.78 -18.11
C PRO B 83 -0.42 17.96 -16.84
N GLU B 84 -1.59 17.75 -16.21
CA GLU B 84 -1.60 17.13 -14.89
C GLU B 84 -1.05 15.70 -14.95
N VAL B 85 -1.35 14.96 -16.00
CA VAL B 85 -0.87 13.59 -16.09
C VAL B 85 0.66 13.56 -16.12
N ARG B 86 1.26 14.42 -16.94
CA ARG B 86 2.72 14.47 -17.02
C ARG B 86 3.31 14.92 -15.69
N GLU B 87 2.77 16.01 -15.12
CA GLU B 87 3.30 16.52 -13.86
C GLU B 87 3.27 15.46 -12.78
N TYR B 88 2.21 14.65 -12.72
CA TYR B 88 2.11 13.64 -11.68
C TYR B 88 2.96 12.42 -12.01
N ARG B 89 3.05 12.05 -13.30
CA ARG B 89 3.96 10.98 -13.69
C ARG B 89 5.40 11.38 -13.43
N GLU B 90 5.72 12.67 -13.50
CA GLU B 90 7.07 13.13 -13.20
C GLU B 90 7.34 13.13 -11.70
N LYS B 91 6.34 13.51 -10.90
CA LYS B 91 6.52 13.44 -9.45
C LYS B 91 6.80 12.00 -9.00
N VAL B 92 6.02 11.05 -9.51
CA VAL B 92 6.26 9.65 -9.17
C VAL B 92 7.63 9.21 -9.64
N GLU B 93 8.04 9.66 -10.84
CA GLU B 93 9.37 9.37 -11.34
C GLU B 93 10.43 9.87 -10.38
N THR B 94 10.35 11.15 -9.99
CA THR B 94 11.35 11.73 -9.11
C THR B 94 11.42 10.97 -7.79
N GLU B 95 10.28 10.58 -7.25
N GLU B 95 10.28 10.56 -7.25
CA GLU B 95 10.27 9.80 -6.01
CA GLU B 95 10.30 9.81 -6.00
C GLU B 95 10.96 8.45 -6.21
C GLU B 95 10.94 8.44 -6.20
N LEU B 96 10.67 7.79 -7.33
CA LEU B 96 11.30 6.50 -7.61
C LEU B 96 12.81 6.64 -7.77
N GLN B 97 13.23 7.66 -8.54
CA GLN B 97 14.67 7.87 -8.74
C GLN B 97 15.37 8.14 -7.42
N GLY B 98 14.70 8.84 -6.50
CA GLY B 98 15.31 9.12 -5.21
C GLY B 98 15.54 7.86 -4.39
N VAL B 99 14.58 6.94 -4.42
CA VAL B 99 14.73 5.70 -3.67
C VAL B 99 15.84 4.85 -4.27
N CYS B 100 15.84 4.69 -5.59
CA CYS B 100 16.93 3.97 -6.25
C CYS B 100 18.27 4.60 -5.90
N ASP B 101 18.34 5.93 -5.96
CA ASP B 101 19.59 6.62 -5.63
C ASP B 101 20.02 6.31 -4.20
N THR B 102 19.06 6.30 -3.27
CA THR B 102 19.40 5.97 -1.88
C THR B 102 19.93 4.55 -1.78
N VAL B 103 19.27 3.60 -2.46
CA VAL B 103 19.71 2.21 -2.42
C VAL B 103 21.09 2.07 -3.02
N LEU B 104 21.31 2.69 -4.18
CA LEU B 104 22.60 2.58 -4.85
C LEU B 104 23.71 3.21 -4.01
N GLY B 105 23.41 4.34 -3.35
CA GLY B 105 24.39 4.93 -2.46
C GLY B 105 24.73 4.00 -1.30
N LEU B 106 23.72 3.37 -0.71
CA LEU B 106 23.99 2.47 0.42
C LEU B 106 24.80 1.26 -0.03
N LEU B 107 24.50 0.73 -1.21
CA LEU B 107 25.27 -0.40 -1.72
C LEU B 107 26.75 -0.04 -1.87
N ASP B 108 27.03 1.12 -2.45
CA ASP B 108 28.41 1.50 -2.72
C ASP B 108 29.16 1.87 -1.44
N SER B 109 28.46 2.43 -0.45
CA SER B 109 29.15 2.96 0.72
C SER B 109 29.27 1.96 1.87
N HIS B 110 28.42 0.93 1.91
CA HIS B 110 28.39 0.04 3.06
C HIS B 110 28.37 -1.44 2.72
N LEU B 111 27.74 -1.82 1.60
CA LEU B 111 27.43 -3.23 1.36
C LEU B 111 28.36 -3.91 0.35
N ILE B 112 28.65 -3.26 -0.78
CA ILE B 112 29.52 -3.86 -1.79
C ILE B 112 30.97 -3.77 -1.31
N LYS B 113 31.62 -4.93 -1.18
CA LYS B 113 32.97 -5.00 -0.66
C LYS B 113 33.72 -6.13 -1.35
N GLU B 114 35.05 -6.07 -1.26
CA GLU B 114 35.89 -7.11 -1.83
C GLU B 114 35.87 -8.37 -0.98
N ALA B 115 35.67 -8.24 0.33
CA ALA B 115 35.63 -9.38 1.23
C ALA B 115 34.21 -9.95 1.29
N GLY B 116 34.09 -11.10 1.95
CA GLY B 116 32.81 -11.75 2.13
C GLY B 116 32.62 -12.92 1.20
N ASP B 117 31.79 -13.87 1.62
CA ASP B 117 31.47 -15.04 0.81
C ASP B 117 30.93 -14.60 -0.54
N ALA B 118 30.89 -15.54 -1.50
CA ALA B 118 30.44 -15.21 -2.85
C ALA B 118 28.96 -14.82 -2.86
N GLU B 119 28.14 -15.51 -2.07
CA GLU B 119 26.71 -15.21 -2.07
C GLU B 119 26.46 -13.74 -1.74
N SER B 120 27.08 -13.25 -0.67
CA SER B 120 26.85 -11.86 -0.27
C SER B 120 27.33 -10.91 -1.36
N ARG B 121 28.53 -11.12 -1.89
CA ARG B 121 29.03 -10.24 -2.93
C ARG B 121 28.14 -10.27 -4.16
N VAL B 122 27.73 -11.46 -4.59
CA VAL B 122 26.82 -11.57 -5.73
C VAL B 122 25.48 -10.93 -5.40
N PHE B 123 24.99 -11.14 -4.18
CA PHE B 123 23.69 -10.60 -3.79
C PHE B 123 23.64 -9.09 -3.96
N TYR B 124 24.70 -8.39 -3.54
CA TYR B 124 24.68 -6.94 -3.57
C TYR B 124 24.95 -6.38 -4.97
N LEU B 125 25.85 -7.01 -5.72
CA LEU B 125 26.08 -6.54 -7.09
C LEU B 125 24.86 -6.75 -7.96
N LYS B 126 24.17 -7.90 -7.79
CA LYS B 126 22.88 -8.08 -8.44
C LYS B 126 21.91 -6.99 -8.05
N MET B 127 21.87 -6.64 -6.76
CA MET B 127 20.98 -5.57 -6.30
C MET B 127 21.33 -4.26 -6.98
N LYS B 128 22.62 -3.98 -7.14
CA LYS B 128 23.03 -2.76 -7.84
C LYS B 128 22.50 -2.75 -9.27
N GLY B 129 22.64 -3.87 -9.97
CA GLY B 129 22.11 -3.95 -11.32
C GLY B 129 20.60 -3.75 -11.37
N ASP B 130 19.88 -4.36 -10.44
CA ASP B 130 18.42 -4.25 -10.42
C ASP B 130 17.98 -2.80 -10.31
N TYR B 131 18.61 -2.03 -9.42
CA TYR B 131 18.12 -0.68 -9.17
C TYR B 131 18.61 0.31 -10.21
N TYR B 132 19.73 0.04 -10.87
CA TYR B 132 20.04 0.77 -12.10
C TYR B 132 19.03 0.41 -13.18
N ARG B 133 18.59 -0.84 -13.21
CA ARG B 133 17.58 -1.23 -14.20
C ARG B 133 16.26 -0.51 -13.96
N TYR B 134 15.88 -0.34 -12.69
CA TYR B 134 14.65 0.39 -12.39
C TYR B 134 14.77 1.84 -12.81
N LEU B 135 15.97 2.43 -12.64
CA LEU B 135 16.19 3.78 -13.16
C LEU B 135 16.11 3.80 -14.68
N ALA B 136 16.59 2.73 -15.33
CA ALA B 136 16.54 2.66 -16.79
C ALA B 136 15.11 2.57 -17.30
N GLU B 137 14.21 1.94 -16.55
CA GLU B 137 12.82 1.83 -16.98
C GLU B 137 12.18 3.19 -17.19
N VAL B 138 12.65 4.22 -16.47
CA VAL B 138 12.05 5.54 -16.49
C VAL B 138 12.96 6.59 -17.10
N ALA B 139 14.14 6.20 -17.58
CA ALA B 139 15.13 7.15 -18.08
C ALA B 139 14.94 7.40 -19.57
N THR B 140 15.58 8.46 -20.06
CA THR B 140 15.51 8.83 -21.47
C THR B 140 16.87 9.35 -21.93
N GLY B 141 17.16 9.11 -23.21
CA GLY B 141 18.30 9.76 -23.83
C GLY B 141 19.63 9.38 -23.21
N ASP B 142 20.52 10.37 -23.11
CA ASP B 142 21.88 10.12 -22.63
C ASP B 142 21.87 9.50 -21.24
N ASP B 143 21.02 10.01 -20.35
CA ASP B 143 20.96 9.45 -19.00
C ASP B 143 20.63 7.97 -19.05
N LYS B 144 19.73 7.58 -19.96
CA LYS B 144 19.39 6.16 -20.09
C LYS B 144 20.60 5.34 -20.51
N LYS B 145 21.42 5.89 -21.41
CA LYS B 145 22.61 5.16 -21.87
C LYS B 145 23.57 4.90 -20.71
N ARG B 146 23.91 5.96 -19.96
CA ARG B 146 24.81 5.79 -18.83
C ARG B 146 24.27 4.78 -17.83
N ILE B 147 22.97 4.89 -17.50
CA ILE B 147 22.37 3.99 -16.52
C ILE B 147 22.40 2.56 -17.02
N ILE B 148 22.17 2.36 -18.32
CA ILE B 148 22.22 1.00 -18.87
C ILE B 148 23.62 0.44 -18.75
N ASP B 149 24.64 1.26 -19.00
CA ASP B 149 26.02 0.81 -18.85
C ASP B 149 26.31 0.43 -17.39
N SER B 150 25.83 1.24 -16.45
CA SER B 150 26.08 0.93 -15.04
C SER B 150 25.38 -0.36 -14.65
N ALA B 151 24.18 -0.60 -15.20
CA ALA B 151 23.47 -1.84 -14.90
C ALA B 151 24.23 -3.06 -15.44
N ARG B 152 24.60 -3.02 -16.72
CA ARG B 152 25.33 -4.15 -17.30
C ARG B 152 26.62 -4.40 -16.54
N SER B 153 27.34 -3.34 -16.15
CA SER B 153 28.59 -3.53 -15.42
C SER B 153 28.35 -4.26 -14.11
N ALA B 154 27.34 -3.83 -13.34
CA ALA B 154 27.06 -4.47 -12.06
C ALA B 154 26.63 -5.92 -12.26
N TYR B 155 25.67 -6.16 -13.16
CA TYR B 155 25.25 -7.53 -13.45
C TYR B 155 26.44 -8.38 -13.89
N GLN B 156 27.30 -7.84 -14.74
CA GLN B 156 28.40 -8.63 -15.28
C GLN B 156 29.38 -9.02 -14.18
N GLU B 157 29.71 -8.10 -13.29
N GLU B 157 29.73 -8.08 -13.30
CA GLU B 157 30.61 -8.45 -12.19
CA GLU B 157 30.59 -8.40 -12.17
C GLU B 157 29.99 -9.49 -11.28
C GLU B 157 29.98 -9.51 -11.33
N ALA B 158 28.67 -9.44 -11.09
CA ALA B 158 28.01 -10.48 -10.30
C ALA B 158 28.02 -11.81 -11.04
N MET B 159 27.82 -11.78 -12.36
CA MET B 159 27.88 -13.01 -13.15
C MET B 159 29.25 -13.65 -13.04
N ASP B 160 30.32 -12.84 -13.16
CA ASP B 160 31.67 -13.39 -13.11
C ASP B 160 31.93 -14.06 -11.77
N ILE B 161 31.42 -13.50 -10.69
CA ILE B 161 31.62 -14.11 -9.38
C ILE B 161 30.79 -15.39 -9.25
N SER B 162 29.53 -15.34 -9.70
CA SER B 162 28.65 -16.49 -9.54
C SER B 162 29.11 -17.66 -10.39
N LYS B 163 29.62 -17.39 -11.59
CA LYS B 163 30.09 -18.46 -12.47
C LYS B 163 31.41 -19.04 -11.99
N LYS B 164 32.18 -18.30 -11.19
CA LYS B 164 33.46 -18.78 -10.70
C LYS B 164 33.35 -19.50 -9.37
N GLU B 165 32.43 -19.07 -8.49
CA GLU B 165 32.43 -19.52 -7.11
C GLU B 165 31.11 -20.15 -6.67
N MET B 166 30.14 -20.29 -7.56
CA MET B 166 28.84 -20.85 -7.21
C MET B 166 28.42 -21.88 -8.23
N PRO B 167 27.72 -22.93 -7.80
CA PRO B 167 27.28 -23.98 -8.72
C PRO B 167 26.12 -23.52 -9.57
N PRO B 168 25.84 -24.20 -10.69
CA PRO B 168 24.76 -23.75 -11.58
C PRO B 168 23.38 -23.73 -10.95
N THR B 169 23.19 -24.36 -9.78
CA THR B 169 21.89 -24.46 -9.15
C THR B 169 21.74 -23.54 -7.95
N ASN B 170 22.69 -22.65 -7.71
CA ASN B 170 22.59 -21.73 -6.58
C ASN B 170 21.43 -20.76 -6.84
N PRO B 171 20.48 -20.64 -5.91
CA PRO B 171 19.33 -19.74 -6.18
C PRO B 171 19.73 -18.30 -6.42
N ILE B 172 20.79 -17.81 -5.79
CA ILE B 172 21.20 -16.43 -6.02
C ILE B 172 21.79 -16.28 -7.41
N ARG B 173 22.61 -17.24 -7.85
CA ARG B 173 23.09 -17.21 -9.22
C ARG B 173 21.95 -17.30 -10.21
N LEU B 174 20.98 -18.18 -9.95
CA LEU B 174 19.83 -18.31 -10.85
C LEU B 174 19.03 -17.02 -10.90
N GLY B 175 18.75 -16.44 -9.73
CA GLY B 175 18.02 -15.17 -9.71
C GLY B 175 18.76 -14.06 -10.43
N LEU B 176 20.10 -14.08 -10.35
CA LEU B 176 20.90 -13.07 -11.03
C LEU B 176 20.79 -13.19 -12.54
N ALA B 177 20.98 -14.41 -13.07
CA ALA B 177 20.86 -14.61 -14.51
C ALA B 177 19.45 -14.29 -14.98
N LEU B 178 18.44 -14.65 -14.18
CA LEU B 178 17.07 -14.31 -14.53
C LEU B 178 16.92 -12.80 -14.71
N ASN B 179 17.32 -12.03 -13.69
CA ASN B 179 17.18 -10.58 -13.77
C ASN B 179 18.07 -9.99 -14.86
N PHE B 180 19.24 -10.58 -15.09
CA PHE B 180 20.11 -10.08 -16.14
C PHE B 180 19.49 -10.33 -17.52
N SER B 181 18.86 -11.49 -17.70
CA SER B 181 18.17 -11.76 -18.96
C SER B 181 17.00 -10.78 -19.15
N VAL B 182 16.24 -10.52 -18.08
CA VAL B 182 15.20 -9.49 -18.17
C VAL B 182 15.82 -8.17 -18.62
N PHE B 183 16.97 -7.80 -18.04
CA PHE B 183 17.66 -6.59 -18.46
C PHE B 183 17.96 -6.64 -19.96
N HIS B 184 18.48 -7.76 -20.45
CA HIS B 184 18.77 -7.89 -21.87
C HIS B 184 17.52 -7.68 -22.72
N TYR B 185 16.41 -8.31 -22.32
CA TYR B 185 15.20 -8.26 -23.13
C TYR B 185 14.55 -6.89 -23.08
N GLU B 186 14.29 -6.37 -21.88
CA GLU B 186 13.45 -5.19 -21.75
C GLU B 186 14.25 -3.89 -21.90
N ILE B 187 15.45 -3.83 -21.33
CA ILE B 187 16.19 -2.58 -21.24
C ILE B 187 17.15 -2.41 -22.41
N ALA B 188 17.94 -3.44 -22.71
CA ALA B 188 18.98 -3.36 -23.74
C ALA B 188 18.47 -3.71 -25.13
N ASN B 189 17.20 -4.11 -25.27
CA ASN B 189 16.65 -4.52 -26.55
C ASN B 189 17.56 -5.54 -27.24
N SER B 190 17.92 -6.58 -26.48
CA SER B 190 18.76 -7.67 -26.97
C SER B 190 18.06 -8.99 -26.67
N PRO B 191 17.00 -9.32 -27.41
CA PRO B 191 16.27 -10.56 -27.13
C PRO B 191 17.12 -11.81 -27.31
N GLU B 192 18.04 -11.81 -28.29
CA GLU B 192 18.89 -12.98 -28.49
C GLU B 192 19.75 -13.25 -27.26
N GLU B 193 20.34 -12.21 -26.67
CA GLU B 193 21.12 -12.40 -25.46
C GLU B 193 20.24 -12.85 -24.31
N ALA B 194 19.06 -12.24 -24.17
CA ALA B 194 18.15 -12.62 -23.09
C ALA B 194 17.76 -14.09 -23.19
N ILE B 195 17.38 -14.53 -24.39
CA ILE B 195 17.01 -15.94 -24.57
C ILE B 195 18.21 -16.84 -24.35
N SER B 196 19.37 -16.46 -24.87
CA SER B 196 20.56 -17.29 -24.73
C SER B 196 20.93 -17.46 -23.26
N LEU B 197 20.97 -16.36 -22.52
CA LEU B 197 21.33 -16.44 -21.10
C LEU B 197 20.31 -17.24 -20.31
N ALA B 198 19.02 -16.98 -20.54
CA ALA B 198 17.98 -17.74 -19.83
C ALA B 198 18.03 -19.21 -20.20
N LYS B 199 18.23 -19.52 -21.49
CA LYS B 199 18.30 -20.92 -21.91
C LYS B 199 19.53 -21.61 -21.33
N THR B 200 20.68 -20.92 -21.33
CA THR B 200 21.88 -21.52 -20.78
C THR B 200 21.75 -21.75 -19.28
N THR B 201 21.15 -20.79 -18.56
CA THR B 201 21.02 -20.91 -17.12
C THR B 201 20.13 -22.09 -16.74
N PHE B 202 19.00 -22.24 -17.43
CA PHE B 202 18.08 -23.35 -17.13
C PHE B 202 18.73 -24.69 -17.41
N ASP B 203 19.33 -24.84 -18.60
CA ASP B 203 19.90 -26.13 -18.98
C ASP B 203 21.07 -26.52 -18.07
N GLU B 204 21.97 -25.57 -17.81
CA GLU B 204 23.14 -25.90 -17.01
C GLU B 204 22.76 -26.26 -15.58
N ALA B 205 21.64 -25.72 -15.09
CA ALA B 205 21.15 -26.10 -13.77
C ALA B 205 20.31 -27.36 -13.83
N MET B 206 19.51 -27.53 -14.88
CA MET B 206 18.74 -28.76 -15.07
C MET B 206 19.65 -29.99 -14.93
N ALA B 207 20.88 -29.89 -15.41
CA ALA B 207 21.79 -31.03 -15.37
C ALA B 207 22.22 -31.39 -13.96
N ASP B 208 22.13 -30.46 -13.02
CA ASP B 208 22.60 -30.66 -11.65
C ASP B 208 21.46 -30.87 -10.66
N LEU B 209 20.21 -30.94 -11.14
CA LEU B 209 19.08 -31.04 -10.22
C LEU B 209 19.14 -32.31 -9.39
N HIS B 210 19.62 -33.41 -9.97
CA HIS B 210 19.64 -34.69 -9.27
C HIS B 210 20.60 -34.69 -8.09
N THR B 211 21.51 -33.72 -8.00
CA THR B 211 22.46 -33.64 -6.90
C THR B 211 21.93 -32.82 -5.72
N LEU B 212 20.70 -32.32 -5.80
CA LEU B 212 20.17 -31.43 -4.79
C LEU B 212 19.27 -32.18 -3.82
N SER B 213 19.29 -31.72 -2.56
CA SER B 213 18.39 -32.25 -1.55
C SER B 213 16.94 -31.91 -1.92
N GLU B 214 16.01 -32.31 -1.05
CA GLU B 214 14.61 -32.01 -1.29
C GLU B 214 14.32 -30.51 -1.20
N ASP B 215 15.04 -29.80 -0.32
CA ASP B 215 14.81 -28.36 -0.18
C ASP B 215 15.48 -27.58 -1.29
N SER B 216 16.77 -27.81 -1.51
CA SER B 216 17.49 -27.10 -2.56
C SER B 216 16.82 -27.30 -3.92
N TYR B 217 16.21 -28.46 -4.13
CA TYR B 217 15.48 -28.69 -5.39
C TYR B 217 14.32 -27.70 -5.54
N LYS B 218 13.58 -27.47 -4.45
CA LYS B 218 12.46 -26.54 -4.52
C LYS B 218 12.94 -25.11 -4.70
N ASP B 219 14.00 -24.72 -3.99
CA ASP B 219 14.51 -23.36 -4.12
C ASP B 219 15.01 -23.08 -5.53
N SER B 220 15.74 -24.03 -6.11
CA SER B 220 16.30 -23.81 -7.45
C SER B 220 15.23 -23.92 -8.53
N THR B 221 14.31 -24.88 -8.39
CA THR B 221 13.26 -25.04 -9.39
C THR B 221 12.29 -23.86 -9.38
N LEU B 222 12.04 -23.27 -8.21
CA LEU B 222 11.16 -22.12 -8.14
C LEU B 222 11.61 -21.02 -9.09
N ILE B 223 12.92 -20.80 -9.19
CA ILE B 223 13.43 -19.76 -10.07
C ILE B 223 13.56 -20.27 -11.51
N MET B 224 13.84 -21.56 -11.69
CA MET B 224 13.89 -22.12 -13.03
C MET B 224 12.55 -22.00 -13.74
N GLN B 225 11.45 -22.07 -12.99
CA GLN B 225 10.14 -21.93 -13.60
C GLN B 225 9.93 -20.52 -14.12
N LEU B 226 10.46 -19.52 -13.41
CA LEU B 226 10.42 -18.15 -13.93
C LEU B 226 11.23 -18.03 -15.21
N LEU B 227 12.36 -18.74 -15.29
CA LEU B 227 13.18 -18.71 -16.50
C LEU B 227 12.44 -19.34 -17.67
N ARG B 228 11.83 -20.51 -17.43
CA ARG B 228 11.10 -21.18 -18.52
C ARG B 228 9.93 -20.35 -18.99
N ASP B 229 9.19 -19.74 -18.05
CA ASP B 229 8.04 -18.93 -18.43
C ASP B 229 8.46 -17.76 -19.31
N ASN B 230 9.54 -17.08 -18.94
CA ASN B 230 10.04 -15.99 -19.78
C ASN B 230 10.47 -16.51 -21.15
N LEU B 231 11.12 -17.67 -21.19
CA LEU B 231 11.55 -18.23 -22.46
C LEU B 231 10.36 -18.56 -23.34
N THR B 232 9.34 -19.23 -22.78
CA THR B 232 8.14 -19.54 -23.55
C THR B 232 7.58 -18.27 -24.21
N LEU B 233 7.52 -17.17 -23.46
CA LEU B 233 6.96 -15.94 -24.00
C LEU B 233 7.91 -15.28 -24.99
N TRP B 234 9.21 -15.33 -24.72
CA TRP B 234 10.18 -14.69 -25.61
C TRP B 234 10.39 -15.51 -26.88
N THR B 235 10.42 -16.84 -26.76
CA THR B 235 10.67 -17.69 -27.91
C THR B 235 9.43 -17.86 -28.78
N ALA B 236 8.27 -18.09 -28.15
CA ALA B 236 7.06 -18.39 -28.91
C ALA B 236 6.78 -17.32 -29.95
N ASP B 237 6.91 -16.05 -29.58
CA ASP B 237 6.70 -14.95 -30.52
C ASP B 237 7.19 -13.67 -29.84
N ASN B 238 7.11 -12.57 -30.59
CA ASN B 238 7.56 -11.26 -30.12
C ASN B 238 7.17 -10.98 -28.67
CA ASN C 1 -6.87 -7.37 10.76
C ASN C 1 -7.79 -8.39 11.42
N TYR C 2 -7.70 -8.51 12.74
CA TYR C 2 -8.32 -9.60 13.47
C TYR C 2 -9.82 -9.40 13.69
N ARG C 3 -10.37 -8.32 13.17
CA ARG C 3 -11.79 -8.01 13.36
C ARG C 3 -12.62 -8.69 12.28
N ARG C 4 -13.77 -9.23 12.69
CA ARG C 4 -14.63 -9.99 11.79
C ARG C 4 -15.91 -9.29 11.41
N TYR C 5 -16.42 -8.38 12.24
CA TYR C 5 -17.55 -7.55 11.85
C TYR C 5 -17.06 -6.36 11.02
N LYS C 6 -17.93 -5.88 10.15
CA LYS C 6 -17.51 -4.94 9.11
C LYS C 6 -18.22 -3.60 9.13
N SEP C 7 -17.49 -2.56 8.75
CA SEP C 7 -18.06 -1.24 8.50
CB SEP C 7 -17.15 -0.14 9.06
OG SEP C 7 -15.86 -0.19 8.45
C SEP C 7 -18.26 -1.07 7.00
O SEP C 7 -17.80 -1.89 6.21
P SEP C 7 -14.81 0.79 9.18
O1P SEP C 7 -14.60 0.33 10.71
O2P SEP C 7 -13.41 0.73 8.41
O3P SEP C 7 -15.36 2.31 9.15
HA SEP C 7 -18.91 -1.13 8.97
HB2 SEP C 7 -17.05 -0.26 10.01
HB3 SEP C 7 -17.54 0.72 8.87
N VAL C 8 -18.96 -0.01 6.59
CA VAL C 8 -19.35 0.15 5.20
C VAL C 8 -18.14 0.38 4.30
N GLY C 9 -17.10 1.00 4.85
CA GLY C 9 -15.93 1.35 4.05
C GLY C 9 -15.24 0.17 3.41
N ILE C 10 -15.45 -1.04 3.93
CA ILE C 10 -14.81 -2.22 3.38
C ILE C 10 -15.22 -2.44 1.93
N LEU C 11 -16.31 -1.84 1.49
CA LEU C 11 -16.76 -1.95 0.10
C LEU C 11 -15.92 -1.06 -0.82
CA ASN D 1 1.54 -4.53 -14.81
C ASN D 1 1.60 -5.21 -16.17
N TYR D 2 1.65 -4.38 -17.21
CA TYR D 2 1.45 -4.82 -18.58
C TYR D 2 2.37 -5.95 -19.03
N ARG D 3 3.62 -5.93 -18.58
CA ARG D 3 4.59 -6.91 -19.04
C ARG D 3 4.31 -8.28 -18.46
N ARG D 4 4.58 -9.32 -19.25
CA ARG D 4 4.28 -10.69 -18.87
C ARG D 4 5.49 -11.45 -18.35
N TYR D 5 6.70 -10.99 -18.63
N TYR D 5 6.71 -10.99 -18.62
CA TYR D 5 7.90 -11.66 -18.15
CA TYR D 5 7.91 -11.66 -18.15
C TYR D 5 8.27 -11.17 -16.75
C TYR D 5 8.27 -11.17 -16.75
N LYS D 6 8.85 -12.06 -15.96
CA LYS D 6 9.07 -11.81 -14.55
C LYS D 6 10.53 -11.72 -14.12
N SEP D 7 10.76 -10.93 -13.07
CA SEP D 7 12.04 -10.90 -12.36
CB SEP D 7 12.43 -9.47 -12.01
OG SEP D 7 11.42 -8.83 -11.27
C SEP D 7 11.91 -11.76 -11.11
O SEP D 7 10.82 -12.20 -10.76
P SEP D 7 11.75 -7.26 -11.15
O1P SEP D 7 11.61 -6.58 -12.61
O2P SEP D 7 10.72 -6.56 -10.13
O3P SEP D 7 13.25 -7.08 -10.62
HA SEP D 7 12.76 -11.25 -12.93
HB2 SEP D 7 12.59 -8.98 -12.82
HB3 SEP D 7 13.24 -9.50 -11.48
N VAL D 8 13.03 -12.01 -10.43
CA VAL D 8 13.05 -12.95 -9.31
C VAL D 8 12.20 -12.44 -8.13
N GLY D 9 12.13 -11.13 -7.97
CA GLY D 9 11.42 -10.57 -6.83
C GLY D 9 9.98 -11.05 -6.75
N ILE D 10 9.29 -11.09 -7.89
CA ILE D 10 7.90 -11.53 -7.94
C ILE D 10 7.57 -12.04 -9.34
C BCT E . 6.61 -4.70 -14.85
O1 BCT E . 6.12 -5.53 -14.10
O2 BCT E . 7.59 -3.96 -14.79
O3 BCT E . 5.83 -4.43 -16.03
HO3 BCT E . 5.16 -4.96 -16.08
C1 GOL F . 4.28 4.69 5.89
O1 GOL F . 5.27 5.48 6.47
C2 GOL F . 4.99 3.55 5.13
O2 GOL F . 5.83 2.81 5.95
C3 GOL F . 3.86 2.69 4.51
O3 GOL F . 4.49 1.73 3.71
H11 GOL F . 3.72 5.18 5.27
H12 GOL F . 3.67 4.30 6.54
HO1 GOL F . 4.87 6.10 6.90
H2 GOL F . 5.57 3.93 4.42
HO2 GOL F . 5.91 3.22 6.70
H31 GOL F . 3.26 3.27 4.03
H32 GOL F . 3.33 2.31 5.23
HO3 GOL F . 3.87 1.28 3.34
C1 GOL G . 22.53 7.45 -9.21
O1 GOL G . 21.14 7.61 -9.20
C2 GOL G . 22.99 7.50 -10.69
O2 GOL G . 22.47 8.60 -11.36
C3 GOL G . 24.53 7.52 -10.63
O3 GOL G . 24.95 6.29 -10.10
H11 GOL G . 22.80 6.61 -8.82
H12 GOL G . 22.99 8.14 -8.71
HO1 GOL G . 20.93 7.90 -8.42
H2 GOL G . 22.66 6.72 -11.17
HO2 GOL G . 21.78 8.87 -10.93
H31 GOL G . 24.81 8.28 -10.09
H32 GOL G . 24.88 7.69 -11.52
HO3 GOL G . 25.79 6.34 -10.02
#